data_4KDY
#
_entry.id   4KDY
#
_cell.length_a   63.505
_cell.length_b   80.490
_cell.length_c   87.660
_cell.angle_alpha   90.00
_cell.angle_beta   90.00
_cell.angle_gamma   90.00
#
_symmetry.space_group_name_H-M   'P 21 21 21'
#
loop_
_entity.id
_entity.type
_entity.pdbx_description
1 polymer 'Maleylacetoacetate isomerase'
2 non-polymer GLUTATHIONE
3 non-polymer 'CITRIC ACID'
4 non-polymer GLYCEROL
5 water water
#
_entity_poly.entity_id   1
_entity_poly.type   'polypeptide(L)'
_entity_poly.pdbx_seq_one_letter_code
;MHHHHHHSSGVDLGTENLYFQSMTLRLYSYWRSSSAWRVRLGLALKGLAYEYRAVDLLAQEQFQAAHQARNPMSQVPVLE
VEEDGRTHLLVQSMAILEWLEERHPEPALLPPDLWGRARVRALAEHVNSGTQPMQNALVLRMLREKVPGWDREWARFFIA
RGLAALETAVRDGAGRFSHGDAPTLADCYLVPQLYNARRFGLDLEPYPTLRRVDEACAALAPFQAAHPDRQPDAPPPDRR
TP
;
_entity_poly.pdbx_strand_id   A,B
#
# COMPACT_ATOMS: atom_id res chain seq x y z
N GLU A 16 -9.56 -26.56 3.18
CA GLU A 16 -8.77 -25.28 3.20
C GLU A 16 -9.65 -24.05 3.42
N ASN A 17 -10.83 -24.04 2.82
CA ASN A 17 -11.73 -22.88 2.88
C ASN A 17 -12.69 -22.88 4.08
N LEU A 18 -12.62 -23.91 4.90
CA LEU A 18 -13.36 -23.90 6.15
C LEU A 18 -12.60 -23.02 7.15
N TYR A 19 -13.36 -22.22 7.89
CA TYR A 19 -12.83 -21.41 8.97
C TYR A 19 -12.42 -22.30 10.15
N PHE A 20 -11.38 -23.11 9.97
CA PHE A 20 -10.90 -24.03 11.02
C PHE A 20 -10.47 -23.25 12.26
N GLN A 21 -10.91 -23.70 13.43
CA GLN A 21 -10.65 -22.98 14.69
C GLN A 21 -9.28 -23.30 15.28
N SER A 22 -8.68 -24.42 14.89
CA SER A 22 -7.33 -24.78 15.34
C SER A 22 -6.25 -24.30 14.35
N MET A 23 -6.37 -23.07 13.87
CA MET A 23 -5.27 -22.41 13.17
C MET A 23 -4.30 -21.90 14.23
N THR A 24 -3.00 -22.16 14.06
CA THR A 24 -1.96 -21.53 14.88
C THR A 24 -1.21 -20.49 14.06
N LEU A 25 -0.88 -19.38 14.70
CA LEU A 25 -0.28 -18.22 14.03
C LEU A 25 1.15 -18.00 14.47
N ARG A 26 2.03 -17.76 13.50
CA ARG A 26 3.43 -17.43 13.78
C ARG A 26 3.81 -16.17 12.98
N LEU A 27 4.20 -15.13 13.68
CA LEU A 27 4.58 -13.88 13.02
C LEU A 27 6.08 -13.74 12.92
N TYR A 28 6.58 -13.61 11.69
CA TYR A 28 7.97 -13.25 11.46
C TYR A 28 8.08 -11.73 11.58
N SER A 29 8.78 -11.29 12.63
CA SER A 29 8.79 -9.90 13.05
C SER A 29 10.20 -9.46 13.44
N TYR A 30 10.43 -8.16 13.30
CA TYR A 30 11.62 -7.49 13.83
C TYR A 30 11.07 -6.39 14.74
N TRP A 31 11.72 -6.21 15.89
CA TRP A 31 11.15 -5.36 16.95
C TRP A 31 10.73 -3.98 16.43
N ARG A 32 11.58 -3.29 15.66
CA ARG A 32 11.20 -1.94 15.20
C ARG A 32 10.82 -1.83 13.72
N SER A 33 10.43 -2.94 13.12
CA SER A 33 9.83 -2.89 11.78
C SER A 33 8.43 -2.30 11.89
N SER A 34 8.21 -1.14 11.28
CA SER A 34 6.87 -0.53 11.32
C SER A 34 5.87 -1.45 10.62
N SER A 35 6.27 -2.11 9.56
CA SER A 35 5.35 -2.97 8.83
C SER A 35 4.92 -4.16 9.67
N ALA A 36 5.85 -4.75 10.42
CA ALA A 36 5.51 -5.85 11.32
C ALA A 36 4.64 -5.35 12.48
N TRP A 37 4.95 -4.18 12.97
CA TRP A 37 4.21 -3.57 14.08
C TRP A 37 2.71 -3.42 13.74
N ARG A 38 2.40 -3.05 12.49
CA ARG A 38 1.01 -2.95 12.07
C ARG A 38 0.26 -4.25 12.30
N VAL A 39 0.92 -5.37 11.96
CA VAL A 39 0.33 -6.70 12.10
C VAL A 39 0.24 -7.09 13.58
N ARG A 40 1.26 -6.75 14.36
CA ARG A 40 1.19 -6.98 15.80
C ARG A 40 -0.02 -6.27 16.42
N LEU A 41 -0.30 -5.06 15.94
CA LEU A 41 -1.48 -4.31 16.39
C LEU A 41 -2.79 -4.99 16.00
N GLY A 42 -2.91 -5.44 14.75
CA GLY A 42 -4.11 -6.20 14.33
C GLY A 42 -4.33 -7.42 15.20
N LEU A 43 -3.25 -8.14 15.48
CA LEU A 43 -3.32 -9.35 16.28
C LEU A 43 -3.73 -9.01 17.71
N ALA A 44 -3.11 -8.00 18.29
CA ALA A 44 -3.41 -7.58 19.66
C ALA A 44 -4.83 -7.08 19.81
N LEU A 45 -5.29 -6.28 18.85
CA LEU A 45 -6.61 -5.69 18.90
C LEU A 45 -7.71 -6.74 18.74
N LYS A 46 -7.41 -7.81 18.03
CA LYS A 46 -8.35 -8.92 17.88
C LYS A 46 -8.23 -9.97 18.98
N GLY A 47 -7.26 -9.77 19.89
CA GLY A 47 -7.04 -10.68 21.01
C GLY A 47 -6.57 -12.05 20.59
N LEU A 48 -5.73 -12.08 19.55
CA LEU A 48 -5.27 -13.33 18.94
C LEU A 48 -3.87 -13.70 19.40
N ALA A 49 -3.72 -14.89 20.00
CA ALA A 49 -2.41 -15.34 20.40
C ALA A 49 -1.60 -15.73 19.17
N TYR A 50 -0.30 -15.52 19.25
CA TYR A 50 0.60 -15.92 18.18
C TYR A 50 2.01 -16.13 18.70
N GLU A 51 2.77 -16.90 17.94
CA GLU A 51 4.18 -17.14 18.24
C GLU A 51 5.03 -16.07 17.55
N TYR A 52 5.96 -15.49 18.28
CA TYR A 52 6.84 -14.47 17.75
C TYR A 52 8.11 -15.14 17.23
N ARG A 53 8.36 -15.01 15.92
CA ARG A 53 9.59 -15.52 15.29
C ARG A 53 10.45 -14.32 14.90
N ALA A 54 11.53 -14.08 15.66
CA ALA A 54 12.37 -12.92 15.44
C ALA A 54 13.18 -13.07 14.15
N VAL A 55 13.24 -11.99 13.38
CA VAL A 55 14.09 -11.91 12.20
C VAL A 55 15.02 -10.72 12.42
N ASP A 56 16.30 -11.00 12.63
CA ASP A 56 17.25 -9.93 12.94
C ASP A 56 17.70 -9.24 11.65
N LEU A 57 16.95 -8.20 11.27
CA LEU A 57 17.20 -7.49 10.03
C LEU A 57 18.51 -6.69 10.09
N LEU A 58 18.90 -6.24 11.28
CA LEU A 58 20.18 -5.53 11.44
C LEU A 58 21.33 -6.49 11.14
N ALA A 59 21.27 -7.69 11.72
CA ALA A 59 22.35 -8.66 11.54
C ALA A 59 22.51 -8.99 10.07
N GLN A 60 21.37 -9.18 9.40
CA GLN A 60 21.37 -9.51 7.97
C GLN A 60 21.90 -8.36 7.11
N GLU A 61 21.53 -7.13 7.44
CA GLU A 61 22.09 -5.94 6.79
C GLU A 61 23.62 -5.91 6.90
N GLN A 62 24.13 -6.05 8.12
CA GLN A 62 25.56 -5.97 8.37
C GLN A 62 26.32 -7.11 7.70
N PHE A 63 25.72 -8.29 7.70
CA PHE A 63 26.28 -9.49 7.06
C PHE A 63 26.36 -9.31 5.55
N GLN A 64 25.28 -8.82 4.95
CA GLN A 64 25.22 -8.58 3.49
C GLN A 64 26.20 -7.49 3.03
N ALA A 65 26.42 -6.48 3.89
CA ALA A 65 27.38 -5.43 3.60
C ALA A 65 28.82 -5.95 3.67
N ALA A 66 29.12 -6.74 4.70
CA ALA A 66 30.48 -7.27 4.91
C ALA A 66 30.85 -8.39 3.92
N HIS A 67 29.86 -9.17 3.47
CA HIS A 67 30.12 -10.32 2.60
C HIS A 67 29.11 -10.41 1.46
N MET A 73 17.74 -11.98 1.85
CA MET A 73 16.59 -11.12 2.09
C MET A 73 15.45 -11.87 2.79
N SER A 74 15.33 -11.66 4.10
CA SER A 74 14.21 -12.19 4.87
C SER A 74 13.03 -11.22 4.72
N GLN A 75 11.83 -11.75 4.51
CA GLN A 75 10.63 -10.91 4.38
C GLN A 75 10.04 -10.67 5.77
N VAL A 76 9.71 -9.42 6.04
CA VAL A 76 9.08 -9.03 7.30
C VAL A 76 8.05 -7.93 6.99
N PRO A 77 6.78 -8.11 7.42
CA PRO A 77 6.21 -9.25 8.13
C PRO A 77 5.81 -10.41 7.23
N VAL A 78 5.84 -11.60 7.79
CA VAL A 78 5.16 -12.77 7.23
C VAL A 78 4.32 -13.40 8.34
N LEU A 79 3.05 -13.63 8.07
CA LEU A 79 2.20 -14.35 9.01
C LEU A 79 2.03 -15.78 8.52
N GLU A 80 2.61 -16.71 9.26
CA GLU A 80 2.51 -18.14 8.96
C GLU A 80 1.28 -18.69 9.68
N VAL A 81 0.36 -19.26 8.90
CA VAL A 81 -0.86 -19.85 9.43
C VAL A 81 -0.77 -21.37 9.23
N GLU A 82 -0.79 -22.11 10.35
CA GLU A 82 -0.67 -23.57 10.31
C GLU A 82 -2.00 -24.23 10.66
N GLU A 83 -2.32 -25.29 9.91
CA GLU A 83 -3.59 -26.01 10.01
C GLU A 83 -3.47 -27.36 9.30
N ASP A 84 -4.16 -28.38 9.79
CA ASP A 84 -4.32 -29.66 9.08
C ASP A 84 -3.13 -30.07 8.19
N GLY A 85 -1.93 -30.01 8.76
CA GLY A 85 -0.70 -30.36 8.04
C GLY A 85 -0.42 -29.49 6.81
N ARG A 86 -0.95 -28.27 6.83
CA ARG A 86 -0.74 -27.30 5.75
C ARG A 86 -0.30 -25.97 6.36
N THR A 87 0.64 -25.32 5.69
CA THR A 87 1.10 -24.00 6.10
C THR A 87 0.78 -23.01 5.01
N HIS A 88 0.22 -21.87 5.40
CA HIS A 88 0.05 -20.74 4.49
C HIS A 88 0.95 -19.62 4.97
N LEU A 89 1.68 -19.01 4.05
CA LEU A 89 2.52 -17.85 4.35
C LEU A 89 1.85 -16.62 3.78
N LEU A 90 1.41 -15.71 4.66
CA LEU A 90 0.75 -14.49 4.22
C LEU A 90 1.76 -13.35 4.28
N VAL A 91 1.86 -12.60 3.19
CA VAL A 91 2.77 -11.45 3.11
C VAL A 91 1.99 -10.18 2.76
N GLN A 92 2.68 -9.05 2.95
CA GLN A 92 2.15 -7.68 2.82
C GLN A 92 1.22 -7.34 3.96
N SER A 93 1.62 -6.38 4.79
CA SER A 93 0.82 -6.00 5.95
C SER A 93 -0.66 -5.80 5.65
N MET A 94 -0.99 -5.11 4.55
CA MET A 94 -2.39 -4.81 4.31
C MET A 94 -3.16 -6.08 3.96
N ALA A 95 -2.54 -6.97 3.19
CA ALA A 95 -3.18 -8.25 2.86
C ALA A 95 -3.37 -9.11 4.09
N ILE A 96 -2.37 -9.09 4.97
CA ILE A 96 -2.42 -9.84 6.22
C ILE A 96 -3.53 -9.31 7.10
N LEU A 97 -3.60 -7.99 7.25
CA LEU A 97 -4.66 -7.39 8.08
C LEU A 97 -6.06 -7.60 7.49
N GLU A 98 -6.19 -7.56 6.17
CA GLU A 98 -7.50 -7.80 5.54
C GLU A 98 -7.91 -9.25 5.78
N TRP A 99 -6.94 -10.17 5.76
CA TRP A 99 -7.22 -11.58 6.08
C TRP A 99 -7.68 -11.73 7.53
N LEU A 100 -6.98 -11.09 8.46
CA LEU A 100 -7.37 -11.15 9.87
C LEU A 100 -8.79 -10.64 10.05
N GLU A 101 -9.16 -9.59 9.33
CA GLU A 101 -10.47 -8.98 9.46
C GLU A 101 -11.57 -9.89 8.88
N GLU A 102 -11.26 -10.61 7.81
CA GLU A 102 -12.22 -11.55 7.21
C GLU A 102 -12.35 -12.81 8.05
N ARG A 103 -11.24 -13.30 8.59
CA ARG A 103 -11.24 -14.56 9.33
C ARG A 103 -11.79 -14.37 10.74
N HIS A 104 -11.49 -13.23 11.35
CA HIS A 104 -11.88 -12.94 12.72
C HIS A 104 -12.58 -11.58 12.75
N PRO A 105 -13.87 -11.55 12.39
CA PRO A 105 -14.54 -10.28 12.16
C PRO A 105 -14.83 -9.43 13.40
N GLU A 106 -14.78 -10.03 14.57
CA GLU A 106 -15.03 -9.32 15.83
C GLU A 106 -13.78 -9.39 16.70
N PRO A 107 -13.34 -8.24 17.25
CA PRO A 107 -13.84 -6.88 17.05
C PRO A 107 -13.42 -6.35 15.69
N ALA A 108 -14.31 -5.62 15.02
CA ALA A 108 -14.05 -5.18 13.64
C ALA A 108 -13.06 -4.04 13.65
N LEU A 109 -12.06 -4.13 12.78
CA LEU A 109 -11.13 -3.02 12.54
C LEU A 109 -11.44 -2.29 11.23
N LEU A 110 -12.47 -2.74 10.53
CA LEU A 110 -13.09 -1.95 9.44
C LEU A 110 -14.56 -1.84 9.77
N PRO A 111 -15.15 -0.64 9.59
CA PRO A 111 -16.58 -0.52 9.87
C PRO A 111 -17.44 -1.25 8.85
N PRO A 112 -18.74 -1.40 9.14
CA PRO A 112 -19.60 -2.13 8.22
C PRO A 112 -20.16 -1.29 7.06
N ASP A 113 -20.11 0.03 7.18
CA ASP A 113 -20.58 0.89 6.10
C ASP A 113 -19.47 1.08 5.07
N LEU A 114 -19.86 1.13 3.79
CA LEU A 114 -18.86 1.10 2.73
C LEU A 114 -18.04 2.38 2.65
N TRP A 115 -18.65 3.54 2.92
CA TRP A 115 -17.91 4.80 2.88
C TRP A 115 -16.80 4.81 3.94
N GLY A 116 -17.13 4.35 5.15
CA GLY A 116 -16.18 4.29 6.24
C GLY A 116 -15.06 3.32 5.94
N ARG A 117 -15.39 2.19 5.30
CA ARG A 117 -14.35 1.24 4.90
C ARG A 117 -13.37 1.86 3.91
N ALA A 118 -13.89 2.59 2.92
CA ALA A 118 -13.07 3.27 1.95
C ALA A 118 -12.18 4.33 2.59
N ARG A 119 -12.73 5.07 3.56
CA ARG A 119 -11.97 6.08 4.27
C ARG A 119 -10.83 5.45 5.08
N VAL A 120 -11.15 4.41 5.83
CA VAL A 120 -10.14 3.76 6.66
C VAL A 120 -9.02 3.16 5.80
N ARG A 121 -9.41 2.51 4.69
CA ARG A 121 -8.40 1.95 3.80
C ARG A 121 -7.54 3.03 3.17
N ALA A 122 -8.13 4.18 2.88
CA ALA A 122 -7.34 5.30 2.32
C ALA A 122 -6.31 5.82 3.32
N LEU A 123 -6.71 5.96 4.59
CA LEU A 123 -5.80 6.41 5.63
C LEU A 123 -4.66 5.40 5.80
N ALA A 124 -5.01 4.12 5.76
CA ALA A 124 -3.99 3.06 5.82
C ALA A 124 -3.03 3.17 4.65
N GLU A 125 -3.59 3.35 3.44
CA GLU A 125 -2.75 3.38 2.24
C GLU A 125 -1.88 4.63 2.14
N HIS A 126 -2.33 5.74 2.73
CA HIS A 126 -1.44 6.91 2.80
C HIS A 126 -0.13 6.56 3.44
N VAL A 127 -0.18 5.69 4.45
CA VAL A 127 1.03 5.20 5.10
C VAL A 127 1.66 4.06 4.31
N ASN A 128 0.85 3.05 4.01
CA ASN A 128 1.32 1.81 3.41
C ASN A 128 2.06 2.06 2.10
N SER A 129 1.44 2.87 1.25
CA SER A 129 1.96 3.13 -0.09
C SER A 129 2.51 4.54 -0.24
N GLY A 130 2.06 5.48 0.58
CA GLY A 130 2.37 6.89 0.38
C GLY A 130 3.48 7.46 1.24
N THR A 131 3.91 6.73 2.26
CA THR A 131 4.88 7.26 3.22
C THR A 131 5.99 6.25 3.51
N GLN A 132 5.63 5.08 4.03
CA GLN A 132 6.64 4.13 4.46
C GLN A 132 7.62 3.71 3.37
N PRO A 133 7.15 3.46 2.12
CA PRO A 133 8.12 3.00 1.11
C PRO A 133 9.28 3.98 0.91
N MET A 134 9.01 5.27 1.11
CA MET A 134 10.03 6.28 0.84
C MET A 134 11.06 6.33 1.95
N GLN A 135 10.83 5.61 3.04
CA GLN A 135 11.79 5.60 4.14
C GLN A 135 12.16 4.20 4.56
N ASN A 136 11.97 3.21 3.69
CA ASN A 136 12.36 1.86 4.06
C ASN A 136 13.89 1.72 4.04
N ALA A 137 14.39 0.68 4.71
CA ALA A 137 15.82 0.61 4.99
C ALA A 137 16.67 0.50 3.71
N LEU A 138 16.16 -0.18 2.69
CA LEU A 138 16.90 -0.30 1.43
C LEU A 138 17.02 1.07 0.75
N VAL A 139 15.91 1.79 0.71
CA VAL A 139 15.90 3.14 0.15
C VAL A 139 16.91 4.02 0.88
N LEU A 140 16.85 4.04 2.20
CA LEU A 140 17.73 4.93 2.96
C LEU A 140 19.21 4.57 2.74
N ARG A 141 19.51 3.27 2.73
N ARG A 141 19.51 3.27 2.75
CA ARG A 141 20.88 2.82 2.51
CA ARG A 141 20.88 2.80 2.49
C ARG A 141 21.44 3.26 1.17
C ARG A 141 21.42 3.34 1.17
N MET A 142 20.63 3.16 0.11
CA MET A 142 21.07 3.61 -1.21
C MET A 142 21.23 5.13 -1.31
N LEU A 143 20.42 5.88 -0.58
CA LEU A 143 20.55 7.33 -0.55
C LEU A 143 21.86 7.77 0.10
N ARG A 144 22.18 7.20 1.28
CA ARG A 144 23.37 7.62 2.00
C ARG A 144 24.66 7.05 1.41
N GLU A 145 24.55 6.03 0.56
CA GLU A 145 25.71 5.56 -0.20
C GLU A 145 26.12 6.59 -1.25
N LYS A 146 25.15 7.19 -1.94
CA LYS A 146 25.46 8.16 -2.99
C LYS A 146 25.72 9.55 -2.41
N VAL A 147 24.94 9.96 -1.41
CA VAL A 147 25.09 11.27 -0.77
C VAL A 147 25.03 11.14 0.76
N PRO A 148 26.19 11.04 1.43
CA PRO A 148 26.25 10.87 2.89
C PRO A 148 25.36 11.82 3.68
N GLY A 149 24.62 11.27 4.64
CA GLY A 149 23.72 12.06 5.51
C GLY A 149 22.33 12.35 4.96
N TRP A 150 22.19 12.35 3.63
CA TRP A 150 20.98 12.82 2.99
C TRP A 150 19.76 11.93 3.23
N ASP A 151 20.00 10.66 3.58
CA ASP A 151 18.91 9.72 3.84
C ASP A 151 17.95 10.20 4.94
N ARG A 152 18.47 10.80 6.01
CA ARG A 152 17.61 11.24 7.11
C ARG A 152 16.83 12.51 6.74
N GLU A 153 17.43 13.38 5.92
CA GLU A 153 16.74 14.54 5.39
C GLU A 153 15.60 14.09 4.47
N TRP A 154 15.89 13.12 3.64
CA TRP A 154 14.90 12.55 2.72
C TRP A 154 13.74 11.91 3.49
N ALA A 155 14.08 11.10 4.49
CA ALA A 155 13.06 10.48 5.33
C ALA A 155 12.17 11.54 5.99
N ARG A 156 12.75 12.59 6.57
CA ARG A 156 11.94 13.63 7.17
C ARG A 156 11.03 14.32 6.15
N PHE A 157 11.53 14.57 4.94
CA PHE A 157 10.71 15.21 3.92
C PHE A 157 9.49 14.37 3.56
N PHE A 158 9.74 13.09 3.27
CA PHE A 158 8.64 12.23 2.82
C PHE A 158 7.70 11.81 3.94
N ILE A 159 8.22 11.65 5.14
CA ILE A 159 7.35 11.38 6.27
C ILE A 159 6.46 12.58 6.57
N ALA A 160 7.04 13.79 6.58
CA ALA A 160 6.26 15.00 6.80
C ALA A 160 5.14 15.15 5.76
N ARG A 161 5.45 14.86 4.50
CA ARG A 161 4.46 14.93 3.43
C ARG A 161 3.29 13.97 3.67
N GLY A 162 3.60 12.75 4.10
CA GLY A 162 2.59 11.77 4.40
C GLY A 162 1.75 12.15 5.61
N LEU A 163 2.39 12.62 6.66
CA LEU A 163 1.69 13.02 7.87
C LEU A 163 0.82 14.26 7.64
N ALA A 164 1.24 15.18 6.78
CA ALA A 164 0.40 16.34 6.42
C ALA A 164 -0.89 15.88 5.73
N ALA A 165 -0.77 14.93 4.81
CA ALA A 165 -1.96 14.36 4.16
C ALA A 165 -2.87 13.69 5.18
N LEU A 166 -2.28 12.94 6.11
CA LEU A 166 -3.06 12.26 7.13
C LEU A 166 -3.73 13.20 8.10
N GLU A 167 -3.01 14.24 8.53
CA GLU A 167 -3.58 15.20 9.47
C GLU A 167 -4.88 15.79 8.91
N THR A 168 -4.85 16.19 7.64
CA THR A 168 -6.03 16.74 6.99
C THR A 168 -7.15 15.70 6.88
N ALA A 169 -6.80 14.52 6.36
CA ALA A 169 -7.78 13.45 6.15
C ALA A 169 -8.34 12.87 7.45
N VAL A 170 -7.49 12.77 8.48
CA VAL A 170 -7.91 12.21 9.77
C VAL A 170 -8.85 13.16 10.50
N ARG A 171 -8.50 14.46 10.53
CA ARG A 171 -9.30 15.46 11.23
C ARG A 171 -10.77 15.45 10.78
N ASP A 172 -11.00 15.12 9.52
CA ASP A 172 -12.36 14.95 9.01
C ASP A 172 -12.80 13.49 9.18
N GLY A 173 -13.40 13.17 10.33
CA GLY A 173 -13.95 11.83 10.61
C GLY A 173 -13.41 11.16 11.86
N ALA A 174 -12.32 11.71 12.40
CA ALA A 174 -11.76 11.22 13.66
C ALA A 174 -12.68 11.59 14.84
N GLY A 175 -12.84 10.64 15.75
CA GLY A 175 -13.38 10.92 17.07
C GLY A 175 -12.20 10.84 18.02
N ARG A 176 -12.24 9.90 18.93
CA ARG A 176 -11.10 9.64 19.81
C ARG A 176 -9.92 9.08 19.00
N PHE A 177 -10.24 8.33 17.93
CA PHE A 177 -9.23 7.64 17.12
C PHE A 177 -9.28 8.13 15.68
N SER A 178 -8.50 7.51 14.78
CA SER A 178 -8.42 7.98 13.38
C SER A 178 -9.79 8.00 12.68
N HIS A 179 -10.63 7.01 13.01
CA HIS A 179 -11.98 6.89 12.46
C HIS A 179 -12.92 6.55 13.60
N GLY A 180 -13.67 7.57 14.04
CA GLY A 180 -14.63 7.40 15.12
C GLY A 180 -13.98 7.19 16.47
N ASP A 181 -14.67 6.46 17.34
CA ASP A 181 -14.31 6.35 18.75
C ASP A 181 -13.77 4.98 19.16
N ALA A 182 -13.40 4.16 18.18
CA ALA A 182 -12.72 2.91 18.46
C ALA A 182 -11.60 2.70 17.45
N PRO A 183 -10.59 1.89 17.82
CA PRO A 183 -9.48 1.64 16.92
C PRO A 183 -9.91 0.95 15.63
N THR A 184 -9.24 1.29 14.53
CA THR A 184 -9.45 0.65 13.24
C THR A 184 -8.09 0.36 12.62
N LEU A 185 -8.10 -0.23 11.43
CA LEU A 185 -6.88 -0.43 10.67
C LEU A 185 -6.08 0.86 10.47
N ALA A 186 -6.77 2.01 10.41
CA ALA A 186 -6.07 3.28 10.20
C ALA A 186 -5.08 3.57 11.32
N ASP A 187 -5.48 3.28 12.57
CA ASP A 187 -4.60 3.47 13.72
C ASP A 187 -3.43 2.50 13.68
N CYS A 188 -3.65 1.29 13.13
CA CYS A 188 -2.59 0.30 13.01
C CYS A 188 -1.44 0.79 12.12
N TYR A 189 -1.78 1.62 11.14
CA TYR A 189 -0.80 2.23 10.23
C TYR A 189 -0.23 3.55 10.79
N LEU A 190 -1.08 4.36 11.43
CA LEU A 190 -0.65 5.64 11.95
C LEU A 190 0.40 5.53 13.05
N VAL A 191 0.13 4.70 14.06
CA VAL A 191 0.97 4.69 15.25
C VAL A 191 2.44 4.34 14.95
N PRO A 192 2.69 3.27 14.16
CA PRO A 192 4.08 2.98 13.84
C PRO A 192 4.75 4.05 12.99
N GLN A 193 3.98 4.72 12.13
CA GLN A 193 4.55 5.76 11.31
C GLN A 193 4.95 6.98 12.13
N LEU A 194 4.19 7.32 13.17
CA LEU A 194 4.59 8.41 14.06
C LEU A 194 5.85 8.07 14.83
N TYR A 195 5.99 6.82 15.24
CA TYR A 195 7.24 6.37 15.87
C TYR A 195 8.44 6.58 14.94
N ASN A 196 8.29 6.26 13.66
CA ASN A 196 9.38 6.46 12.71
C ASN A 196 9.66 7.93 12.52
N ALA A 197 8.62 8.74 12.51
CA ALA A 197 8.81 10.19 12.42
C ALA A 197 9.72 10.67 13.55
N ARG A 198 9.47 10.20 14.77
CA ARG A 198 10.30 10.60 15.90
C ARG A 198 11.72 10.08 15.78
N ARG A 199 11.87 8.83 15.35
CA ARG A 199 13.17 8.23 15.12
C ARG A 199 14.06 9.12 14.24
N PHE A 200 13.48 9.72 13.19
CA PHE A 200 14.24 10.55 12.26
C PHE A 200 14.24 12.02 12.66
N GLY A 201 13.76 12.33 13.86
CA GLY A 201 13.82 13.70 14.39
C GLY A 201 12.86 14.69 13.77
N LEU A 202 11.77 14.20 13.19
CA LEU A 202 10.76 15.08 12.63
C LEU A 202 9.92 15.72 13.72
N ASP A 203 9.79 17.04 13.66
CA ASP A 203 8.90 17.76 14.58
C ASP A 203 7.44 17.46 14.28
N LEU A 204 6.70 16.97 15.28
CA LEU A 204 5.29 16.59 15.10
C LEU A 204 4.30 17.71 15.47
N GLU A 205 4.81 18.90 15.80
CA GLU A 205 3.95 20.02 16.16
C GLU A 205 2.82 20.29 15.12
N PRO A 206 3.12 20.21 13.81
CA PRO A 206 2.09 20.49 12.80
C PRO A 206 0.97 19.46 12.66
N TYR A 207 1.00 18.37 13.43
CA TYR A 207 0.00 17.30 13.31
C TYR A 207 -0.75 17.09 14.63
N PRO A 208 -1.53 18.10 15.06
CA PRO A 208 -2.17 17.99 16.37
C PRO A 208 -3.21 16.87 16.50
N THR A 209 -3.99 16.60 15.45
CA THR A 209 -4.96 15.53 15.48
C THR A 209 -4.25 14.18 15.56
N LEU A 210 -3.19 14.00 14.79
CA LEU A 210 -2.44 12.75 14.82
C LEU A 210 -1.82 12.50 16.19
N ARG A 211 -1.27 13.56 16.80
CA ARG A 211 -0.68 13.44 18.13
C ARG A 211 -1.73 13.03 19.17
N ARG A 212 -2.91 13.63 19.08
CA ARG A 212 -4.03 13.29 19.96
C ARG A 212 -4.43 11.82 19.82
N VAL A 213 -4.53 11.35 18.59
CA VAL A 213 -4.91 9.97 18.32
C VAL A 213 -3.82 9.04 18.86
N ASP A 214 -2.57 9.39 18.60
CA ASP A 214 -1.43 8.62 19.11
C ASP A 214 -1.52 8.44 20.63
N GLU A 215 -1.81 9.53 21.34
CA GLU A 215 -1.96 9.48 22.80
C GLU A 215 -3.09 8.56 23.25
N ALA A 216 -4.23 8.63 22.59
CA ALA A 216 -5.38 7.76 22.90
C ALA A 216 -5.03 6.29 22.70
N CYS A 217 -4.34 5.99 21.60
CA CYS A 217 -3.93 4.62 21.33
C CYS A 217 -2.90 4.11 22.35
N ALA A 218 -1.96 4.97 22.72
CA ALA A 218 -0.85 4.58 23.61
C ALA A 218 -1.33 4.11 24.98
N ALA A 219 -2.48 4.60 25.42
CA ALA A 219 -3.06 4.21 26.73
C ALA A 219 -3.74 2.84 26.72
N LEU A 220 -3.94 2.24 25.55
CA LEU A 220 -4.61 0.95 25.45
C LEU A 220 -3.61 -0.20 25.56
N ALA A 221 -3.98 -1.22 26.32
CA ALA A 221 -3.14 -2.40 26.49
C ALA A 221 -2.68 -3.06 25.17
N PRO A 222 -3.58 -3.23 24.19
CA PRO A 222 -3.11 -3.88 22.94
C PRO A 222 -2.03 -3.10 22.22
N PHE A 223 -2.10 -1.78 22.26
CA PHE A 223 -1.03 -0.97 21.68
C PHE A 223 0.26 -1.13 22.48
N GLN A 224 0.15 -1.12 23.80
CA GLN A 224 1.35 -1.28 24.63
C GLN A 224 2.05 -2.61 24.32
N ALA A 225 1.26 -3.67 24.13
CA ALA A 225 1.77 -5.00 23.87
C ALA A 225 2.54 -5.07 22.56
N ALA A 226 2.11 -4.29 21.56
CA ALA A 226 2.66 -4.37 20.21
C ALA A 226 3.88 -3.46 19.96
N HIS A 227 4.16 -2.57 20.90
CA HIS A 227 5.21 -1.59 20.77
C HIS A 227 6.58 -2.28 20.63
N PRO A 228 7.48 -1.68 19.83
CA PRO A 228 8.82 -2.26 19.68
C PRO A 228 9.53 -2.62 20.97
N ASP A 229 9.44 -1.76 21.99
CA ASP A 229 10.17 -1.98 23.24
C ASP A 229 9.72 -3.21 24.02
N ARG A 230 8.53 -3.73 23.73
CA ARG A 230 8.02 -4.90 24.43
C ARG A 230 8.25 -6.21 23.68
N GLN A 231 8.89 -6.16 22.51
CA GLN A 231 9.04 -7.36 21.70
C GLN A 231 10.21 -8.20 22.16
N PRO A 232 10.15 -9.52 21.96
CA PRO A 232 11.22 -10.42 22.44
C PRO A 232 12.63 -10.02 22.00
N ASP A 233 12.77 -9.48 20.79
CA ASP A 233 14.09 -9.15 20.24
C ASP A 233 14.53 -7.70 20.45
N ALA A 234 13.80 -6.94 21.25
CA ALA A 234 14.14 -5.54 21.50
C ALA A 234 15.45 -5.42 22.27
N PRO A 235 16.44 -4.68 21.73
CA PRO A 235 17.64 -4.42 22.51
C PRO A 235 17.36 -3.41 23.63
N PRO A 236 18.22 -3.38 24.65
CA PRO A 236 18.10 -2.28 25.59
C PRO A 236 18.37 -0.94 24.93
N PRO A 237 17.88 0.17 25.52
CA PRO A 237 18.11 1.50 24.95
C PRO A 237 19.54 1.78 24.48
N ASP A 238 20.52 1.37 25.27
CA ASP A 238 21.93 1.70 24.96
C ASP A 238 22.57 0.83 23.88
N ARG A 239 21.82 -0.09 23.29
CA ARG A 239 22.30 -0.92 22.16
C ARG A 239 21.42 -0.79 20.90
N ARG A 240 20.69 0.31 20.81
CA ARG A 240 19.91 0.61 19.61
C ARG A 240 20.60 1.66 18.75
N THR A 241 20.69 1.39 17.46
CA THR A 241 21.23 2.37 16.54
C THR A 241 20.16 3.46 16.34
N PRO A 242 20.55 4.64 15.83
CA PRO A 242 19.54 5.67 15.58
C PRO A 242 18.44 5.16 14.66
N PHE B 20 -34.94 10.30 -4.73
CA PHE B 20 -33.63 9.68 -4.36
C PHE B 20 -32.62 9.82 -5.50
N GLN B 21 -31.50 10.45 -5.22
CA GLN B 21 -30.43 10.64 -6.20
C GLN B 21 -29.57 9.37 -6.32
N SER B 22 -29.75 8.63 -7.41
CA SER B 22 -29.01 7.40 -7.63
C SER B 22 -27.52 7.68 -7.88
N MET B 23 -26.69 6.70 -7.51
CA MET B 23 -25.23 6.86 -7.50
C MET B 23 -24.63 7.23 -8.86
N THR B 24 -23.80 8.26 -8.86
CA THR B 24 -23.06 8.70 -10.04
C THR B 24 -21.58 8.72 -9.77
N LEU B 25 -20.79 8.38 -10.78
CA LEU B 25 -19.32 8.26 -10.66
C LEU B 25 -18.59 9.23 -11.57
N ARG B 26 -17.57 9.88 -11.01
CA ARG B 26 -16.68 10.76 -11.76
C ARG B 26 -15.26 10.43 -11.35
N LEU B 27 -14.38 10.18 -12.32
CA LEU B 27 -12.98 9.86 -12.04
C LEU B 27 -12.05 10.99 -12.47
N TYR B 28 -11.24 11.46 -11.52
CA TYR B 28 -10.17 12.40 -11.83
C TYR B 28 -8.96 11.59 -12.21
N SER B 29 -8.52 11.75 -13.45
CA SER B 29 -7.56 10.86 -14.07
C SER B 29 -6.57 11.64 -14.93
N TYR B 30 -5.44 11.01 -15.20
CA TYR B 30 -4.47 11.48 -16.19
C TYR B 30 -4.17 10.28 -17.09
N TRP B 31 -4.14 10.48 -18.40
CA TRP B 31 -4.07 9.36 -19.34
C TRP B 31 -2.97 8.36 -18.99
N ARG B 32 -1.78 8.87 -18.67
CA ARG B 32 -0.60 8.04 -18.49
C ARG B 32 -0.29 7.65 -17.04
N SER B 33 -1.18 8.02 -16.12
CA SER B 33 -0.98 7.72 -14.70
C SER B 33 -1.28 6.26 -14.43
N SER B 34 -0.30 5.49 -13.96
CA SER B 34 -0.55 4.10 -13.64
C SER B 34 -1.55 3.97 -12.50
N SER B 35 -1.51 4.85 -11.51
N SER B 35 -1.48 4.85 -11.52
CA SER B 35 -2.44 4.77 -10.38
CA SER B 35 -2.43 4.81 -10.40
C SER B 35 -3.89 5.00 -10.83
C SER B 35 -3.87 4.97 -10.88
N ALA B 36 -4.09 5.92 -11.78
CA ALA B 36 -5.42 6.16 -12.34
C ALA B 36 -5.88 4.99 -13.21
N TRP B 37 -4.96 4.48 -14.01
CA TRP B 37 -5.24 3.37 -14.90
C TRP B 37 -5.79 2.15 -14.14
N ARG B 38 -5.23 1.86 -12.97
CA ARG B 38 -5.71 0.73 -12.15
C ARG B 38 -7.21 0.86 -11.90
N VAL B 39 -7.64 2.08 -11.53
CA VAL B 39 -9.03 2.35 -11.26
C VAL B 39 -9.89 2.30 -12.53
N ARG B 40 -9.37 2.81 -13.63
CA ARG B 40 -10.05 2.70 -14.92
C ARG B 40 -10.30 1.23 -15.24
N LEU B 41 -9.35 0.36 -14.91
CA LEU B 41 -9.51 -1.07 -15.17
C LEU B 41 -10.61 -1.66 -14.30
N GLY B 42 -10.64 -1.32 -13.02
CA GLY B 42 -11.72 -1.80 -12.15
C GLY B 42 -13.08 -1.38 -12.64
N LEU B 43 -13.20 -0.12 -13.05
CA LEU B 43 -14.46 0.41 -13.56
C LEU B 43 -14.88 -0.32 -14.84
N ALA B 44 -13.93 -0.45 -15.76
CA ALA B 44 -14.23 -1.10 -17.05
C ALA B 44 -14.57 -2.57 -16.85
N LEU B 45 -13.83 -3.27 -16.01
CA LEU B 45 -14.09 -4.70 -15.80
C LEU B 45 -15.48 -4.92 -15.19
N LYS B 46 -15.94 -3.98 -14.38
CA LYS B 46 -17.28 -4.07 -13.78
C LYS B 46 -18.41 -3.48 -14.61
N GLY B 47 -18.06 -2.96 -15.78
CA GLY B 47 -19.05 -2.40 -16.71
C GLY B 47 -19.67 -1.13 -16.18
N LEU B 48 -18.91 -0.35 -15.43
CA LEU B 48 -19.41 0.87 -14.82
C LEU B 48 -19.04 2.09 -15.64
N ALA B 49 -20.06 2.88 -16.01
CA ALA B 49 -19.85 4.16 -16.66
C ALA B 49 -19.35 5.18 -15.64
N TYR B 50 -18.53 6.12 -16.10
CA TYR B 50 -18.09 7.20 -15.26
C TYR B 50 -17.74 8.42 -16.11
N GLU B 51 -17.86 9.59 -15.50
CA GLU B 51 -17.42 10.82 -16.13
C GLU B 51 -15.91 10.93 -15.97
N TYR B 52 -15.21 11.12 -17.09
CA TYR B 52 -13.76 11.31 -17.07
C TYR B 52 -13.44 12.79 -16.87
N ARG B 53 -12.69 13.10 -15.83
CA ARG B 53 -12.27 14.46 -15.55
C ARG B 53 -10.75 14.49 -15.59
N ALA B 54 -10.23 15.08 -16.66
CA ALA B 54 -8.79 15.11 -16.92
C ALA B 54 -8.13 16.10 -16.00
N VAL B 55 -6.96 15.72 -15.49
CA VAL B 55 -6.12 16.55 -14.65
C VAL B 55 -4.84 16.84 -15.42
N ASP B 56 -4.42 18.11 -15.42
CA ASP B 56 -3.17 18.56 -16.05
C ASP B 56 -2.01 18.19 -15.13
N LEU B 57 -1.67 16.90 -15.14
CA LEU B 57 -0.71 16.39 -14.18
C LEU B 57 0.67 16.98 -14.36
N LEU B 58 1.07 17.24 -15.60
CA LEU B 58 2.41 17.78 -15.83
C LEU B 58 2.54 19.18 -15.27
N ALA B 59 1.53 20.03 -15.47
CA ALA B 59 1.54 21.37 -14.87
C ALA B 59 1.52 21.26 -13.34
N GLN B 60 0.71 20.34 -12.83
CA GLN B 60 0.59 20.15 -11.39
C GLN B 60 1.92 19.72 -10.79
N GLU B 61 2.60 18.79 -11.46
CA GLU B 61 3.88 18.30 -10.96
C GLU B 61 4.98 19.36 -11.03
N GLN B 62 4.92 20.24 -12.03
CA GLN B 62 5.89 21.32 -12.13
C GLN B 62 5.72 22.28 -10.96
N PHE B 63 4.47 22.59 -10.61
CA PHE B 63 4.21 23.43 -9.46
C PHE B 63 4.67 22.74 -8.17
N GLN B 64 4.34 21.47 -8.00
CA GLN B 64 4.73 20.75 -6.79
C GLN B 64 6.24 20.76 -6.60
N ALA B 65 6.96 20.55 -7.70
CA ALA B 65 8.42 20.51 -7.68
C ALA B 65 9.00 21.82 -7.18
N ALA B 66 8.43 22.93 -7.63
CA ALA B 66 8.91 24.27 -7.25
C ALA B 66 8.42 24.73 -5.87
N HIS B 67 7.55 23.96 -5.22
CA HIS B 67 6.93 24.35 -3.96
C HIS B 67 6.84 23.21 -2.96
N GLN B 68 7.93 22.46 -2.84
CA GLN B 68 8.12 21.47 -1.77
C GLN B 68 6.98 20.47 -1.67
N ALA B 69 6.29 20.24 -2.79
CA ALA B 69 5.13 19.33 -2.85
C ALA B 69 4.06 19.59 -1.78
N ARG B 70 3.77 20.87 -1.52
CA ARG B 70 2.84 21.27 -0.47
C ARG B 70 1.35 21.15 -0.85
N ASN B 71 1.03 21.25 -2.15
CA ASN B 71 -0.37 21.29 -2.62
C ASN B 71 -1.20 20.11 -2.11
N PRO B 72 -2.22 20.38 -1.26
CA PRO B 72 -2.92 19.30 -0.56
C PRO B 72 -4.13 18.74 -1.33
N MET B 73 -4.50 17.50 -0.99
CA MET B 73 -5.65 16.81 -1.58
C MET B 73 -5.61 16.84 -3.11
N SER B 74 -4.43 16.66 -3.68
CA SER B 74 -4.25 16.80 -5.12
C SER B 74 -3.71 15.53 -5.80
N GLN B 75 -3.81 14.37 -5.15
CA GLN B 75 -3.37 13.12 -5.79
C GLN B 75 -4.47 12.55 -6.70
N VAL B 76 -4.03 12.02 -7.83
CA VAL B 76 -4.86 11.27 -8.78
C VAL B 76 -4.51 9.79 -8.57
N PRO B 77 -5.49 8.88 -8.61
CA PRO B 77 -6.91 9.05 -8.91
C PRO B 77 -7.72 9.53 -7.70
N VAL B 78 -8.80 10.25 -7.99
CA VAL B 78 -9.88 10.47 -7.05
C VAL B 78 -11.16 10.01 -7.73
N LEU B 79 -11.93 9.17 -7.06
CA LEU B 79 -13.25 8.79 -7.53
C LEU B 79 -14.30 9.57 -6.72
N GLU B 80 -14.97 10.50 -7.40
CA GLU B 80 -16.04 11.27 -6.79
C GLU B 80 -17.34 10.51 -6.98
N VAL B 81 -18.02 10.21 -5.88
CA VAL B 81 -19.26 9.45 -5.92
C VAL B 81 -20.35 10.29 -5.28
N GLU B 82 -21.43 10.52 -6.01
CA GLU B 82 -22.59 11.24 -5.45
C GLU B 82 -23.75 10.27 -5.32
N GLU B 83 -24.37 10.23 -4.15
CA GLU B 83 -25.54 9.42 -3.93
C GLU B 83 -26.39 10.06 -2.84
N ASP B 84 -27.71 10.07 -3.07
CA ASP B 84 -28.67 10.60 -2.07
C ASP B 84 -28.29 12.02 -1.62
N GLY B 85 -27.82 12.86 -2.54
CA GLY B 85 -27.50 14.25 -2.24
C GLY B 85 -26.19 14.47 -1.50
N ARG B 86 -25.41 13.42 -1.29
CA ARG B 86 -24.14 13.54 -0.59
C ARG B 86 -23.01 13.16 -1.54
N THR B 87 -21.91 13.91 -1.44
CA THR B 87 -20.72 13.67 -2.27
C THR B 87 -19.61 13.04 -1.43
N HIS B 88 -18.96 12.03 -2.01
CA HIS B 88 -17.86 11.31 -1.39
C HIS B 88 -16.67 11.38 -2.32
N LEU B 89 -15.51 11.76 -1.79
CA LEU B 89 -14.28 11.78 -2.57
C LEU B 89 -13.39 10.63 -2.12
N LEU B 90 -13.33 9.58 -2.93
CA LEU B 90 -12.55 8.38 -2.60
C LEU B 90 -11.16 8.49 -3.19
N VAL B 91 -10.16 8.33 -2.35
CA VAL B 91 -8.75 8.40 -2.77
C VAL B 91 -8.04 7.09 -2.46
N GLN B 92 -6.86 6.94 -3.05
CA GLN B 92 -6.00 5.75 -2.98
C GLN B 92 -6.54 4.62 -3.84
N SER B 93 -5.84 4.27 -4.90
CA SER B 93 -6.32 3.26 -5.83
C SER B 93 -6.81 1.99 -5.15
N MET B 94 -6.10 1.49 -4.14
CA MET B 94 -6.47 0.21 -3.57
C MET B 94 -7.78 0.36 -2.79
N ALA B 95 -7.92 1.46 -2.07
CA ALA B 95 -9.16 1.74 -1.31
C ALA B 95 -10.35 1.90 -2.27
N ILE B 96 -10.12 2.59 -3.38
CA ILE B 96 -11.16 2.78 -4.38
C ILE B 96 -11.56 1.43 -4.98
N LEU B 97 -10.56 0.61 -5.34
CA LEU B 97 -10.84 -0.71 -5.95
C LEU B 97 -11.57 -1.64 -4.99
N GLU B 98 -11.18 -1.63 -3.72
CA GLU B 98 -11.90 -2.43 -2.71
C GLU B 98 -13.33 -1.93 -2.57
N TRP B 99 -13.56 -0.61 -2.65
CA TRP B 99 -14.90 -0.07 -2.59
C TRP B 99 -15.73 -0.56 -3.78
N LEU B 100 -15.16 -0.49 -4.96
CA LEU B 100 -15.86 -0.95 -6.17
C LEU B 100 -16.26 -2.41 -6.03
N GLU B 101 -15.36 -3.23 -5.48
CA GLU B 101 -15.63 -4.66 -5.29
C GLU B 101 -16.76 -4.89 -4.28
N GLU B 102 -16.83 -4.09 -3.23
CA GLU B 102 -17.89 -4.20 -2.20
C GLU B 102 -19.21 -3.60 -2.67
N ARG B 103 -19.14 -2.50 -3.39
N ARG B 103 -19.17 -2.46 -3.35
CA ARG B 103 -20.33 -1.79 -3.86
CA ARG B 103 -20.39 -1.74 -3.74
C ARG B 103 -21.00 -2.52 -4.99
C ARG B 103 -21.01 -2.30 -5.01
N HIS B 104 -20.20 -2.99 -5.95
N HIS B 104 -20.22 -3.01 -5.80
CA HIS B 104 -20.69 -3.59 -7.17
CA HIS B 104 -20.70 -3.59 -7.04
C HIS B 104 -20.01 -4.96 -7.35
C HIS B 104 -20.02 -4.93 -7.29
N PRO B 105 -20.50 -5.98 -6.61
CA PRO B 105 -19.78 -7.25 -6.54
C PRO B 105 -19.55 -8.04 -7.82
N GLU B 106 -20.43 -7.89 -8.81
CA GLU B 106 -20.37 -8.72 -10.02
C GLU B 106 -20.07 -7.84 -11.24
N PRO B 107 -19.07 -8.25 -12.05
CA PRO B 107 -18.20 -9.40 -11.87
C PRO B 107 -17.15 -9.16 -10.79
N ALA B 108 -16.77 -10.24 -10.11
CA ALA B 108 -15.87 -10.16 -8.98
C ALA B 108 -14.44 -9.97 -9.44
N LEU B 109 -13.75 -9.05 -8.79
CA LEU B 109 -12.31 -8.88 -8.99
C LEU B 109 -11.46 -9.40 -7.84
N LEU B 110 -12.10 -9.98 -6.82
CA LEU B 110 -11.39 -10.78 -5.83
C LEU B 110 -11.98 -12.18 -5.82
N PRO B 111 -11.14 -13.19 -5.54
CA PRO B 111 -11.66 -14.55 -5.42
C PRO B 111 -12.54 -14.72 -4.19
N PRO B 112 -13.25 -15.86 -4.09
CA PRO B 112 -14.20 -16.04 -2.99
C PRO B 112 -13.59 -16.52 -1.68
N ASP B 113 -12.41 -17.13 -1.75
CA ASP B 113 -11.81 -17.83 -0.62
C ASP B 113 -10.77 -16.96 0.07
N LEU B 114 -10.63 -17.10 1.38
CA LEU B 114 -9.74 -16.23 2.15
C LEU B 114 -8.30 -16.28 1.68
N TRP B 115 -7.80 -17.47 1.35
CA TRP B 115 -6.39 -17.58 0.95
C TRP B 115 -6.12 -16.86 -0.37
N GLY B 116 -7.00 -17.05 -1.34
CA GLY B 116 -6.85 -16.42 -2.64
C GLY B 116 -6.96 -14.92 -2.57
N ARG B 117 -7.85 -14.44 -1.69
CA ARG B 117 -8.01 -13.00 -1.47
C ARG B 117 -6.73 -12.39 -0.92
N ALA B 118 -6.11 -13.06 0.06
CA ALA B 118 -4.85 -12.59 0.63
C ALA B 118 -3.73 -12.60 -0.41
N ARG B 119 -3.73 -13.62 -1.27
CA ARG B 119 -2.72 -13.70 -2.35
C ARG B 119 -2.88 -12.55 -3.33
N VAL B 120 -4.11 -12.34 -3.79
CA VAL B 120 -4.38 -11.29 -4.75
C VAL B 120 -4.05 -9.92 -4.16
N ARG B 121 -4.43 -9.68 -2.91
CA ARG B 121 -4.10 -8.40 -2.27
C ARG B 121 -2.60 -8.23 -2.15
N ALA B 122 -1.88 -9.30 -1.83
CA ALA B 122 -0.41 -9.20 -1.72
C ALA B 122 0.22 -8.84 -3.07
N LEU B 123 -0.26 -9.46 -4.14
CA LEU B 123 0.25 -9.16 -5.49
C LEU B 123 0.00 -7.69 -5.84
N ALA B 124 -1.21 -7.23 -5.57
CA ALA B 124 -1.56 -5.82 -5.79
C ALA B 124 -0.64 -4.90 -4.99
N GLU B 125 -0.43 -5.23 -3.71
CA GLU B 125 0.37 -4.38 -2.83
C GLU B 125 1.85 -4.39 -3.21
N HIS B 126 2.34 -5.49 -3.79
CA HIS B 126 3.74 -5.50 -4.30
C HIS B 126 3.96 -4.34 -5.28
N VAL B 127 2.96 -4.05 -6.11
CA VAL B 127 3.00 -2.91 -7.01
C VAL B 127 2.64 -1.60 -6.29
N ASN B 128 1.49 -1.62 -5.62
CA ASN B 128 0.96 -0.41 -4.98
C ASN B 128 1.92 0.24 -4.00
N SER B 129 2.56 -0.57 -3.16
N SER B 129 2.55 -0.59 -3.16
CA SER B 129 3.48 -0.05 -2.15
CA SER B 129 3.41 -0.14 -2.08
C SER B 129 4.93 -0.36 -2.47
C SER B 129 4.88 -0.50 -2.28
N GLY B 130 5.16 -1.47 -3.15
CA GLY B 130 6.52 -2.01 -3.32
C GLY B 130 7.27 -1.69 -4.59
N THR B 131 6.60 -1.11 -5.59
CA THR B 131 7.23 -0.80 -6.86
C THR B 131 6.93 0.63 -7.32
N GLN B 132 5.66 0.96 -7.46
CA GLN B 132 5.29 2.26 -8.02
C GLN B 132 5.81 3.46 -7.22
N PRO B 133 5.74 3.42 -5.88
CA PRO B 133 6.21 4.62 -5.18
C PRO B 133 7.66 4.98 -5.47
N MET B 134 8.48 3.98 -5.79
CA MET B 134 9.90 4.20 -6.10
C MET B 134 10.13 4.95 -7.39
N GLN B 135 9.11 5.03 -8.23
CA GLN B 135 9.20 5.75 -9.51
C GLN B 135 8.17 6.87 -9.62
N ASN B 136 7.66 7.33 -8.48
CA ASN B 136 6.79 8.52 -8.41
C ASN B 136 7.57 9.72 -8.93
N ALA B 137 6.89 10.62 -9.62
CA ALA B 137 7.59 11.74 -10.25
C ALA B 137 8.32 12.63 -9.23
N LEU B 138 7.77 12.75 -8.02
CA LEU B 138 8.40 13.57 -6.99
C LEU B 138 9.66 12.91 -6.45
N VAL B 139 9.60 11.60 -6.18
CA VAL B 139 10.77 10.84 -5.81
C VAL B 139 11.89 11.02 -6.84
N LEU B 140 11.56 10.81 -8.11
CA LEU B 140 12.58 10.86 -9.16
C LEU B 140 13.11 12.29 -9.33
N ARG B 141 12.23 13.28 -9.20
CA ARG B 141 12.63 14.70 -9.24
C ARG B 141 13.63 15.01 -8.13
N MET B 142 13.38 14.56 -6.91
CA MET B 142 14.29 14.88 -5.81
C MET B 142 15.64 14.21 -5.99
N LEU B 143 15.64 13.01 -6.58
CA LEU B 143 16.87 12.32 -6.87
C LEU B 143 17.67 13.12 -7.91
N ARG B 144 16.97 13.52 -8.96
CA ARG B 144 17.51 14.27 -10.12
C ARG B 144 18.08 15.63 -9.74
N GLU B 145 17.42 16.31 -8.81
CA GLU B 145 17.91 17.61 -8.31
C GLU B 145 19.25 17.46 -7.60
N LYS B 146 19.44 16.34 -6.91
CA LYS B 146 20.66 16.11 -6.15
C LYS B 146 21.76 15.61 -7.10
N VAL B 147 21.44 14.60 -7.88
CA VAL B 147 22.40 13.97 -8.78
C VAL B 147 21.72 13.69 -10.13
N PRO B 148 21.90 14.59 -11.13
CA PRO B 148 21.25 14.33 -12.42
C PRO B 148 21.59 12.94 -12.94
N GLY B 149 20.61 12.29 -13.54
CA GLY B 149 20.77 10.93 -14.08
C GLY B 149 20.47 9.81 -13.08
N TRP B 150 20.63 10.08 -11.78
CA TRP B 150 20.39 9.10 -10.72
C TRP B 150 18.95 8.57 -10.78
N ASP B 151 18.02 9.45 -11.15
CA ASP B 151 16.62 9.06 -11.24
C ASP B 151 16.41 7.87 -12.19
N ARG B 152 17.06 7.87 -13.34
CA ARG B 152 16.89 6.75 -14.29
C ARG B 152 17.42 5.43 -13.73
N GLU B 153 18.61 5.46 -13.15
CA GLU B 153 19.23 4.30 -12.54
C GLU B 153 18.32 3.74 -11.44
N TRP B 154 17.79 4.65 -10.64
CA TRP B 154 16.96 4.28 -9.48
C TRP B 154 15.66 3.64 -9.91
N ALA B 155 14.95 4.30 -10.83
CA ALA B 155 13.68 3.77 -11.35
C ALA B 155 13.90 2.39 -11.96
N ARG B 156 14.94 2.25 -12.76
CA ARG B 156 15.22 0.98 -13.41
C ARG B 156 15.52 -0.10 -12.36
N PHE B 157 16.32 0.24 -11.36
CA PHE B 157 16.67 -0.71 -10.32
C PHE B 157 15.42 -1.20 -9.56
N PHE B 158 14.59 -0.25 -9.14
CA PHE B 158 13.45 -0.58 -8.30
C PHE B 158 12.31 -1.23 -9.07
N ILE B 159 12.09 -0.82 -10.31
CA ILE B 159 11.05 -1.45 -11.11
C ILE B 159 11.47 -2.90 -11.41
N ALA B 160 12.71 -3.09 -11.82
CA ALA B 160 13.19 -4.46 -12.11
C ALA B 160 13.12 -5.34 -10.86
N ARG B 161 13.52 -4.80 -9.72
CA ARG B 161 13.49 -5.54 -8.46
C ARG B 161 12.06 -5.95 -8.15
N GLY B 162 11.12 -5.01 -8.29
CA GLY B 162 9.71 -5.27 -8.03
C GLY B 162 9.17 -6.33 -8.97
N LEU B 163 9.52 -6.22 -10.25
CA LEU B 163 8.99 -7.16 -11.23
C LEU B 163 9.59 -8.56 -11.08
N ALA B 164 10.86 -8.65 -10.69
CA ALA B 164 11.48 -9.95 -10.43
C ALA B 164 10.75 -10.66 -9.28
N ALA B 165 10.49 -9.96 -8.20
CA ALA B 165 9.78 -10.53 -7.06
C ALA B 165 8.34 -10.87 -7.46
N LEU B 166 7.73 -10.01 -8.26
CA LEU B 166 6.35 -10.23 -8.70
C LEU B 166 6.23 -11.45 -9.65
N GLU B 167 7.22 -11.63 -10.53
CA GLU B 167 7.24 -12.79 -11.41
C GLU B 167 7.19 -14.09 -10.62
N THR B 168 8.02 -14.18 -9.59
CA THR B 168 8.08 -15.36 -8.74
C THR B 168 6.75 -15.60 -8.04
N ALA B 169 6.18 -14.55 -7.46
CA ALA B 169 4.94 -14.66 -6.73
C ALA B 169 3.76 -15.00 -7.63
N VAL B 170 3.69 -14.37 -8.80
CA VAL B 170 2.60 -14.62 -9.75
C VAL B 170 2.68 -16.03 -10.32
N ARG B 171 3.89 -16.48 -10.64
CA ARG B 171 4.05 -17.82 -11.21
C ARG B 171 3.44 -18.90 -10.30
N ASP B 172 3.58 -18.73 -9.00
CA ASP B 172 3.00 -19.66 -8.04
C ASP B 172 1.53 -19.30 -7.80
N GLY B 173 0.68 -19.69 -8.75
CA GLY B 173 -0.76 -19.49 -8.65
C GLY B 173 -1.46 -18.91 -9.87
N ALA B 174 -0.70 -18.37 -10.83
CA ALA B 174 -1.30 -17.88 -12.06
C ALA B 174 -1.94 -19.03 -12.84
N GLY B 175 -3.07 -18.73 -13.47
CA GLY B 175 -3.61 -19.57 -14.54
C GLY B 175 -3.41 -18.77 -15.80
N ARG B 176 -4.49 -18.48 -16.52
N ARG B 176 -4.50 -18.49 -16.50
CA ARG B 176 -4.42 -17.55 -17.64
CA ARG B 176 -4.52 -17.56 -17.64
C ARG B 176 -4.04 -16.15 -17.15
C ARG B 176 -4.19 -16.12 -17.21
N PHE B 177 -4.55 -15.77 -15.98
CA PHE B 177 -4.29 -14.44 -15.39
C PHE B 177 -3.45 -14.59 -14.13
N SER B 178 -3.17 -13.47 -13.45
CA SER B 178 -2.29 -13.48 -12.27
C SER B 178 -2.72 -14.47 -11.18
N HIS B 179 -4.03 -14.61 -11.03
CA HIS B 179 -4.61 -15.55 -10.08
C HIS B 179 -5.71 -16.33 -10.78
N GLY B 180 -5.43 -17.60 -11.08
CA GLY B 180 -6.40 -18.44 -11.77
C GLY B 180 -6.76 -17.95 -13.16
N ASP B 181 -8.00 -18.20 -13.56
CA ASP B 181 -8.42 -18.02 -14.93
C ASP B 181 -9.39 -16.87 -15.19
N ALA B 182 -9.48 -15.94 -14.22
CA ALA B 182 -10.28 -14.74 -14.41
C ALA B 182 -9.47 -13.53 -13.95
N PRO B 183 -9.70 -12.35 -14.56
CA PRO B 183 -9.00 -11.15 -14.10
C PRO B 183 -9.36 -10.84 -12.66
N THR B 184 -8.38 -10.33 -11.91
CA THR B 184 -8.58 -9.89 -10.54
C THR B 184 -7.90 -8.54 -10.33
N LEU B 185 -8.01 -8.02 -9.11
CA LEU B 185 -7.30 -6.79 -8.77
C LEU B 185 -5.80 -6.90 -9.04
N ALA B 186 -5.23 -8.09 -8.93
CA ALA B 186 -3.80 -8.24 -9.19
C ALA B 186 -3.45 -7.81 -10.62
N ASP B 187 -4.27 -8.18 -11.60
CA ASP B 187 -4.01 -7.80 -12.98
C ASP B 187 -4.18 -6.30 -13.21
N CYS B 188 -5.05 -5.66 -12.44
CA CYS B 188 -5.26 -4.23 -12.53
C CYS B 188 -4.01 -3.45 -12.12
N TYR B 189 -3.23 -4.04 -11.22
CA TYR B 189 -1.95 -3.45 -10.81
C TYR B 189 -0.79 -3.85 -11.74
N LEU B 190 -0.77 -5.09 -12.20
CA LEU B 190 0.30 -5.58 -13.05
C LEU B 190 0.42 -4.84 -14.38
N VAL B 191 -0.69 -4.71 -15.09
CA VAL B 191 -0.66 -4.23 -16.47
C VAL B 191 -0.10 -2.81 -16.54
N PRO B 192 -0.58 -1.86 -15.71
CA PRO B 192 0.01 -0.51 -15.78
C PRO B 192 1.49 -0.47 -15.38
N GLN B 193 1.90 -1.32 -14.45
CA GLN B 193 3.29 -1.33 -14.01
C GLN B 193 4.22 -1.81 -15.13
N LEU B 194 3.78 -2.79 -15.92
CA LEU B 194 4.58 -3.25 -17.08
C LEU B 194 4.75 -2.16 -18.12
N TYR B 195 3.70 -1.38 -18.36
CA TYR B 195 3.77 -0.23 -19.26
C TYR B 195 4.83 0.76 -18.78
N ASN B 196 4.85 1.00 -17.47
CA ASN B 196 5.85 1.90 -16.89
C ASN B 196 7.26 1.33 -17.04
N ALA B 197 7.43 0.04 -16.86
CA ALA B 197 8.73 -0.60 -17.05
C ALA B 197 9.23 -0.38 -18.48
N ARG B 198 8.34 -0.48 -19.46
CA ARG B 198 8.70 -0.26 -20.86
C ARG B 198 9.12 1.19 -21.06
N ARG B 199 8.41 2.12 -20.41
CA ARG B 199 8.71 3.54 -20.50
C ARG B 199 10.15 3.85 -20.06
N PHE B 200 10.64 3.12 -19.04
CA PHE B 200 12.00 3.27 -18.52
C PHE B 200 13.01 2.38 -19.24
N GLY B 201 12.57 1.74 -20.32
CA GLY B 201 13.48 0.97 -21.18
C GLY B 201 13.90 -0.37 -20.65
N LEU B 202 13.16 -0.93 -19.68
CA LEU B 202 13.53 -2.20 -19.08
C LEU B 202 13.17 -3.38 -19.97
N ASP B 203 14.11 -4.31 -20.07
CA ASP B 203 13.86 -5.58 -20.73
C ASP B 203 12.83 -6.37 -19.91
N LEU B 204 11.74 -6.80 -20.55
CA LEU B 204 10.73 -7.61 -19.86
C LEU B 204 10.90 -9.12 -20.08
N GLU B 205 11.91 -9.52 -20.83
CA GLU B 205 12.15 -10.94 -21.03
C GLU B 205 12.26 -11.75 -19.72
N PRO B 206 12.89 -11.19 -18.67
CA PRO B 206 13.02 -11.96 -17.43
C PRO B 206 11.72 -12.26 -16.65
N TYR B 207 10.57 -11.77 -17.14
CA TYR B 207 9.29 -11.96 -16.46
C TYR B 207 8.28 -12.61 -17.40
N PRO B 208 8.54 -13.88 -17.78
CA PRO B 208 7.66 -14.50 -18.78
C PRO B 208 6.21 -14.71 -18.32
N THR B 209 6.01 -15.03 -17.06
CA THR B 209 4.64 -15.19 -16.56
C THR B 209 3.92 -13.84 -16.61
N LEU B 210 4.58 -12.78 -16.16
CA LEU B 210 3.95 -11.48 -16.20
C LEU B 210 3.60 -11.08 -17.62
N ARG B 211 4.48 -11.39 -18.57
CA ARG B 211 4.21 -11.03 -19.96
C ARG B 211 3.03 -11.80 -20.54
N ARG B 212 2.96 -13.10 -20.25
CA ARG B 212 1.87 -13.95 -20.69
C ARG B 212 0.52 -13.45 -20.15
N VAL B 213 0.52 -13.08 -18.88
CA VAL B 213 -0.68 -12.52 -18.25
C VAL B 213 -1.06 -11.18 -18.88
N ASP B 214 -0.08 -10.31 -19.08
CA ASP B 214 -0.28 -9.04 -19.75
C ASP B 214 -0.94 -9.22 -21.12
N GLU B 215 -0.46 -10.21 -21.87
CA GLU B 215 -1.00 -10.49 -23.20
C GLU B 215 -2.44 -11.01 -23.14
N ALA B 216 -2.75 -11.85 -22.16
CA ALA B 216 -4.12 -12.33 -21.96
C ALA B 216 -5.05 -11.16 -21.64
N CYS B 217 -4.60 -10.24 -20.79
CA CYS B 217 -5.40 -9.08 -20.42
C CYS B 217 -5.61 -8.15 -21.59
N ALA B 218 -4.57 -7.94 -22.39
CA ALA B 218 -4.59 -6.99 -23.51
C ALA B 218 -5.67 -7.32 -24.52
N ALA B 219 -6.02 -8.60 -24.62
CA ALA B 219 -7.02 -9.07 -25.58
C ALA B 219 -8.46 -8.78 -25.14
N LEU B 220 -8.65 -8.30 -23.91
CA LEU B 220 -9.98 -8.07 -23.37
C LEU B 220 -10.41 -6.62 -23.60
N ALA B 221 -11.66 -6.45 -24.02
CA ALA B 221 -12.23 -5.12 -24.25
C ALA B 221 -12.07 -4.12 -23.07
N PRO B 222 -12.31 -4.58 -21.83
CA PRO B 222 -12.12 -3.60 -20.74
C PRO B 222 -10.68 -3.09 -20.59
N PHE B 223 -9.70 -3.95 -20.82
CA PHE B 223 -8.31 -3.51 -20.77
C PHE B 223 -8.03 -2.55 -21.91
N GLN B 224 -8.57 -2.85 -23.10
CA GLN B 224 -8.36 -1.96 -24.23
C GLN B 224 -8.94 -0.58 -23.95
N ALA B 225 -10.12 -0.55 -23.33
CA ALA B 225 -10.82 0.71 -23.03
C ALA B 225 -10.10 1.56 -21.99
N ALA B 226 -9.42 0.92 -21.04
CA ALA B 226 -8.75 1.63 -19.94
C ALA B 226 -7.35 2.13 -20.28
N HIS B 227 -6.80 1.67 -21.42
CA HIS B 227 -5.42 1.96 -21.80
C HIS B 227 -5.21 3.47 -21.96
N PRO B 228 -4.03 3.98 -21.57
CA PRO B 228 -3.74 5.41 -21.74
C PRO B 228 -4.12 6.00 -23.11
N ASP B 229 -3.83 5.29 -24.19
CA ASP B 229 -4.05 5.84 -25.54
C ASP B 229 -5.51 6.08 -25.87
N ARG B 230 -6.42 5.42 -25.16
CA ARG B 230 -7.87 5.56 -25.39
C ARG B 230 -8.52 6.68 -24.55
N GLN B 231 -7.75 7.34 -23.70
CA GLN B 231 -8.34 8.30 -22.78
C GLN B 231 -8.53 9.67 -23.43
N PRO B 232 -9.52 10.45 -22.97
CA PRO B 232 -9.81 11.70 -23.65
C PRO B 232 -8.63 12.68 -23.67
N ASP B 233 -7.76 12.61 -22.66
CA ASP B 233 -6.64 13.53 -22.54
C ASP B 233 -5.35 13.00 -23.16
N ALA B 234 -5.39 11.83 -23.80
CA ALA B 234 -4.23 11.33 -24.52
C ALA B 234 -3.88 12.30 -25.65
N PRO B 235 -2.59 12.66 -25.80
CA PRO B 235 -2.19 13.58 -26.87
C PRO B 235 -1.86 12.81 -28.14
#